data_6D9N
#
_entry.id   6D9N
#
_cell.length_a   47.390
_cell.length_b   50.030
_cell.length_c   57.980
_cell.angle_alpha   90.00
_cell.angle_beta   102.63
_cell.angle_gamma   90.00
#
_symmetry.space_group_name_H-M   'P 1 21 1'
#
loop_
_entity.id
_entity.type
_entity.pdbx_description
1 polymer 'Organic hydroperoxide resistance protein'
2 non-polymer 'THIOCYANATE ION'
3 non-polymer 1,2-ETHANEDIOL
4 water water
#
_entity_poly.entity_id   1
_entity_poly.type   'polypeptide(L)'
_entity_poly.pdbx_seq_one_letter_code
;MAHHHHHHMKTLYTIGATATGGRNGHVKSDNGVLEFEVRYPKGLGGANDDYANPEMLFAAGYSACFDSALNLVIKSAKIK
TGETTVTAKVGIGQIENGGFGLEVELHANIPGVTIEEAQDLIEKAHQVCPYSNATRGNIEVKLTVSNN
;
_entity_poly.pdbx_strand_id   A,B
#
loop_
_chem_comp.id
_chem_comp.type
_chem_comp.name
_chem_comp.formula
EDO non-polymer 1,2-ETHANEDIOL 'C2 H6 O2'
SCN non-polymer 'THIOCYANATE ION' 'C N S -1'
#
# COMPACT_ATOMS: atom_id res chain seq x y z
N MET A 9 3.17 11.92 16.63
CA MET A 9 1.96 12.09 15.83
C MET A 9 0.73 11.71 16.65
N LYS A 10 -0.34 12.51 16.55
CA LYS A 10 -1.61 12.22 17.21
C LYS A 10 -2.41 11.32 16.27
N THR A 11 -2.48 10.02 16.59
CA THR A 11 -3.08 9.07 15.67
C THR A 11 -4.60 9.24 15.65
N LEU A 12 -5.16 9.42 14.46
CA LEU A 12 -6.60 9.65 14.34
C LEU A 12 -7.38 8.36 14.10
N TYR A 13 -6.77 7.39 13.43
CA TYR A 13 -7.45 6.17 13.03
C TYR A 13 -6.39 5.09 12.85
N THR A 14 -6.72 3.86 13.26
CA THR A 14 -5.84 2.72 13.06
CA THR A 14 -5.85 2.71 13.09
C THR A 14 -6.66 1.55 12.51
N ILE A 15 -6.04 0.75 11.64
CA ILE A 15 -6.70 -0.42 11.06
C ILE A 15 -5.64 -1.51 10.87
N GLY A 16 -6.02 -2.77 11.15
CA GLY A 16 -5.10 -3.88 10.99
C GLY A 16 -5.53 -4.85 9.90
N ALA A 17 -4.58 -5.66 9.46
CA ALA A 17 -4.86 -6.79 8.59
C ALA A 17 -3.88 -7.92 8.91
N THR A 18 -4.28 -9.14 8.56
CA THR A 18 -3.50 -10.35 8.81
C THR A 18 -3.35 -11.12 7.51
N ALA A 19 -2.12 -11.59 7.24
CA ALA A 19 -1.83 -12.40 6.07
C ALA A 19 -1.30 -13.75 6.53
N THR A 20 -1.81 -14.80 5.91
CA THR A 20 -1.58 -16.19 6.27
CA THR A 20 -1.31 -16.14 6.21
C THR A 20 -1.61 -17.02 5.00
N GLY A 21 -1.58 -18.36 5.18
CA GLY A 21 -1.97 -19.26 4.13
C GLY A 21 -0.86 -19.97 3.38
N GLY A 22 0.40 -19.60 3.61
CA GLY A 22 1.47 -20.29 2.92
C GLY A 22 1.40 -20.06 1.42
N ARG A 23 1.38 -21.16 0.65
CA ARG A 23 1.30 -21.09 -0.81
C ARG A 23 -0.09 -20.67 -1.28
N ASN A 24 -1.09 -20.76 -0.42
CA ASN A 24 -2.42 -20.29 -0.74
C ASN A 24 -2.70 -19.04 0.09
N GLY A 25 -1.98 -17.97 -0.27
CA GLY A 25 -2.00 -16.77 0.55
C GLY A 25 -3.41 -16.20 0.69
N HIS A 26 -3.68 -15.67 1.88
CA HIS A 26 -4.97 -15.13 2.28
CA HIS A 26 -4.92 -14.97 2.09
C HIS A 26 -4.71 -13.88 3.13
N VAL A 27 -5.50 -12.83 2.94
CA VAL A 27 -5.38 -11.66 3.80
CA VAL A 27 -5.39 -11.60 3.71
C VAL A 27 -6.78 -11.19 4.20
N LYS A 28 -6.87 -10.72 5.43
CA LYS A 28 -8.16 -10.31 5.98
C LYS A 28 -7.95 -9.09 6.86
N SER A 29 -8.74 -8.03 6.64
CA SER A 29 -8.69 -6.91 7.56
C SER A 29 -9.29 -7.33 8.92
N ASP A 30 -8.95 -6.57 9.97
CA ASP A 30 -9.38 -6.92 11.32
CA ASP A 30 -9.38 -7.00 11.30
C ASP A 30 -10.89 -7.00 11.45
N ASN A 31 -11.61 -6.20 10.67
CA ASN A 31 -13.05 -6.09 10.74
C ASN A 31 -13.75 -6.92 9.66
N GLY A 32 -13.00 -7.67 8.87
CA GLY A 32 -13.55 -8.50 7.80
C GLY A 32 -14.00 -7.77 6.55
N VAL A 33 -13.89 -6.45 6.50
CA VAL A 33 -14.35 -5.69 5.35
C VAL A 33 -13.60 -6.05 4.09
N LEU A 34 -12.31 -6.35 4.22
CA LEU A 34 -11.49 -6.82 3.11
CA LEU A 34 -11.50 -6.83 3.11
C LEU A 34 -11.05 -8.24 3.43
N GLU A 35 -11.32 -9.18 2.53
CA GLU A 35 -10.84 -10.55 2.71
C GLU A 35 -10.70 -11.18 1.35
N PHE A 36 -9.50 -11.65 1.03
CA PHE A 36 -9.24 -12.13 -0.33
C PHE A 36 -7.95 -12.92 -0.37
N GLU A 37 -7.77 -13.60 -1.47
CA GLU A 37 -6.61 -14.44 -1.67
CA GLU A 37 -6.64 -14.48 -1.74
C GLU A 37 -5.56 -13.72 -2.50
N VAL A 38 -4.30 -14.05 -2.23
CA VAL A 38 -3.17 -13.50 -2.97
C VAL A 38 -2.33 -14.65 -3.51
N ARG A 39 -1.77 -14.46 -4.70
CA ARG A 39 -0.88 -15.42 -5.31
C ARG A 39 0.14 -14.63 -6.11
N TYR A 40 1.26 -15.23 -6.44
CA TYR A 40 2.16 -14.55 -7.36
CA TYR A 40 2.20 -14.60 -7.38
C TYR A 40 1.54 -14.44 -8.74
N PRO A 41 1.73 -13.31 -9.41
CA PRO A 41 1.27 -13.17 -10.79
C PRO A 41 2.20 -13.94 -11.73
N LYS A 42 1.70 -14.19 -12.93
CA LYS A 42 2.47 -14.97 -13.90
C LYS A 42 3.87 -14.38 -14.14
N GLY A 43 3.98 -13.04 -14.18
CA GLY A 43 5.25 -12.41 -14.48
C GLY A 43 6.30 -12.62 -13.41
N LEU A 44 5.89 -13.01 -12.19
CA LEU A 44 6.81 -13.31 -11.11
C LEU A 44 6.89 -14.81 -10.84
N GLY A 45 6.49 -15.64 -11.81
CA GLY A 45 6.57 -17.09 -11.68
C GLY A 45 5.30 -17.81 -11.28
N GLY A 46 4.20 -17.08 -11.06
CA GLY A 46 2.96 -17.69 -10.63
C GLY A 46 2.20 -18.34 -11.76
N ALA A 47 1.10 -19.02 -11.39
CA ALA A 47 0.32 -19.81 -12.35
C ALA A 47 -0.52 -18.97 -13.31
N ASN A 48 -1.04 -17.82 -12.89
CA ASN A 48 -1.91 -17.02 -13.75
C ASN A 48 -1.99 -15.62 -13.17
N ASP A 49 -2.92 -14.81 -13.71
CA ASP A 49 -3.12 -13.43 -13.29
C ASP A 49 -4.51 -13.22 -12.70
N ASP A 50 -5.10 -14.23 -12.08
CA ASP A 50 -6.45 -14.13 -11.55
C ASP A 50 -6.51 -13.62 -10.11
N TYR A 51 -5.36 -13.42 -9.45
CA TYR A 51 -5.36 -13.09 -8.04
C TYR A 51 -4.72 -11.73 -7.75
N ALA A 52 -5.13 -11.15 -6.63
CA ALA A 52 -4.46 -9.99 -6.09
C ALA A 52 -3.03 -10.35 -5.66
N ASN A 53 -2.25 -9.31 -5.43
CA ASN A 53 -0.89 -9.43 -4.92
C ASN A 53 -0.55 -8.10 -4.24
N PRO A 54 0.57 -8.03 -3.52
CA PRO A 54 0.84 -6.79 -2.75
C PRO A 54 1.12 -5.61 -3.64
N GLU A 55 1.63 -5.82 -4.85
CA GLU A 55 1.88 -4.73 -5.78
C GLU A 55 0.56 -4.10 -6.19
N MET A 56 -0.44 -4.95 -6.46
CA MET A 56 -1.78 -4.49 -6.81
C MET A 56 -2.46 -3.76 -5.66
N LEU A 57 -2.28 -4.25 -4.43
CA LEU A 57 -2.80 -3.55 -3.27
C LEU A 57 -2.16 -2.17 -3.13
N PHE A 58 -0.86 -2.06 -3.44
CA PHE A 58 -0.20 -0.76 -3.36
C PHE A 58 -0.74 0.18 -4.43
N ALA A 59 -0.95 -0.33 -5.65
CA ALA A 59 -1.53 0.51 -6.71
C ALA A 59 -2.92 1.00 -6.34
N ALA A 60 -3.76 0.12 -5.81
CA ALA A 60 -5.12 0.47 -5.40
C ALA A 60 -5.07 1.47 -4.26
N GLY A 61 -4.23 1.19 -3.26
CA GLY A 61 -4.16 2.11 -2.12
C GLY A 61 -3.60 3.47 -2.48
N TYR A 62 -2.58 3.52 -3.32
CA TYR A 62 -1.95 4.79 -3.63
C TYR A 62 -2.90 5.63 -4.49
N SER A 63 -3.51 5.00 -5.51
CA SER A 63 -4.45 5.76 -6.35
C SER A 63 -5.58 6.33 -5.50
N ALA A 64 -6.12 5.55 -4.57
CA ALA A 64 -7.19 6.03 -3.71
C ALA A 64 -6.71 7.07 -2.72
N CYS A 65 -5.54 6.85 -2.13
N CYS A 65 -5.53 6.90 -2.13
CA CYS A 65 -4.92 7.84 -1.25
CA CYS A 65 -4.98 7.92 -1.23
C CYS A 65 -4.81 9.19 -1.95
C CYS A 65 -4.79 9.24 -1.95
N PHE A 66 -4.23 9.19 -3.14
CA PHE A 66 -3.93 10.40 -3.86
C PHE A 66 -5.21 11.07 -4.32
N ASP A 67 -6.17 10.31 -4.83
CA ASP A 67 -7.43 10.91 -5.24
C ASP A 67 -8.16 11.53 -4.05
N SER A 68 -8.11 10.88 -2.89
CA SER A 68 -8.71 11.45 -1.68
CA SER A 68 -8.75 11.48 -1.72
C SER A 68 -8.05 12.76 -1.31
N ALA A 69 -6.71 12.79 -1.29
CA ALA A 69 -5.99 14.01 -0.96
C ALA A 69 -6.30 15.13 -1.94
N LEU A 70 -6.37 14.78 -3.21
CA LEU A 70 -6.67 15.75 -4.26
C LEU A 70 -8.04 16.37 -4.06
N ASN A 71 -9.02 15.55 -3.71
CA ASN A 71 -10.34 16.09 -3.49
C ASN A 71 -10.40 16.94 -2.24
N LEU A 72 -9.65 16.60 -1.18
CA LEU A 72 -9.61 17.48 -0.02
CA LEU A 72 -9.59 17.47 -0.01
C LEU A 72 -9.02 18.84 -0.37
N VAL A 73 -7.95 18.85 -1.16
CA VAL A 73 -7.31 20.09 -1.58
C VAL A 73 -8.29 20.94 -2.42
N ILE A 74 -8.98 20.31 -3.37
CA ILE A 74 -9.94 21.02 -4.23
C ILE A 74 -11.04 21.65 -3.37
N LYS A 75 -11.57 20.88 -2.43
CA LYS A 75 -12.67 21.37 -1.61
CA LYS A 75 -12.68 21.39 -1.63
C LYS A 75 -12.24 22.49 -0.69
N SER A 76 -11.02 22.42 -0.17
CA SER A 76 -10.54 23.48 0.73
CA SER A 76 -10.57 23.48 0.74
C SER A 76 -10.41 24.81 0.00
N ALA A 77 -10.16 24.75 -1.31
CA ALA A 77 -10.04 25.93 -2.15
C ALA A 77 -11.38 26.37 -2.77
N LYS A 78 -12.43 25.57 -2.63
CA LYS A 78 -13.73 25.86 -3.22
C LYS A 78 -13.63 25.99 -4.74
N ILE A 79 -12.73 25.22 -5.35
CA ILE A 79 -12.52 25.24 -6.81
C ILE A 79 -13.47 24.24 -7.44
N LYS A 80 -14.19 24.66 -8.48
CA LYS A 80 -15.11 23.78 -9.19
C LYS A 80 -14.30 22.94 -10.18
N THR A 81 -14.47 21.62 -10.12
CA THR A 81 -13.87 20.73 -11.11
C THR A 81 -14.89 19.66 -11.48
N GLY A 82 -14.58 18.91 -12.54
CA GLY A 82 -15.28 17.67 -12.77
C GLY A 82 -14.77 16.58 -11.85
N GLU A 83 -15.33 15.38 -12.01
CA GLU A 83 -14.90 14.25 -11.21
C GLU A 83 -13.47 13.87 -11.59
N THR A 84 -12.61 13.74 -10.59
CA THR A 84 -11.20 13.42 -10.85
C THR A 84 -10.98 11.91 -11.02
N THR A 85 -9.87 11.58 -11.69
CA THR A 85 -9.44 10.19 -11.84
CA THR A 85 -9.45 10.19 -11.72
C THR A 85 -7.95 10.14 -11.48
N VAL A 86 -7.53 9.09 -10.76
CA VAL A 86 -6.10 8.90 -10.50
C VAL A 86 -5.76 7.47 -10.90
N THR A 87 -4.71 7.31 -11.67
CA THR A 87 -4.16 5.99 -11.95
CA THR A 87 -4.16 5.99 -11.95
C THR A 87 -2.79 5.86 -11.30
N ALA A 88 -2.53 4.68 -10.75
CA ALA A 88 -1.20 4.34 -10.21
C ALA A 88 -0.77 3.04 -10.86
N LYS A 89 0.40 3.06 -11.51
CA LYS A 89 0.98 1.87 -12.11
C LYS A 89 2.24 1.55 -11.33
N VAL A 90 2.26 0.37 -10.70
CA VAL A 90 3.28 -0.02 -9.74
C VAL A 90 4.13 -1.12 -10.34
N GLY A 91 5.44 -0.90 -10.46
CA GLY A 91 6.38 -1.93 -10.89
C GLY A 91 7.22 -2.40 -9.73
N ILE A 92 7.72 -3.64 -9.83
CA ILE A 92 8.64 -4.23 -8.86
C ILE A 92 9.86 -4.76 -9.60
N GLY A 93 11.04 -4.57 -8.99
CA GLY A 93 12.26 -5.16 -9.54
C GLY A 93 13.25 -5.36 -8.43
N GLN A 94 14.35 -6.05 -8.74
CA GLN A 94 15.40 -6.30 -7.75
C GLN A 94 16.26 -5.06 -7.56
N ILE A 95 16.56 -4.74 -6.29
CA ILE A 95 17.37 -3.57 -5.96
C ILE A 95 18.69 -4.01 -5.30
N GLU A 96 19.47 -3.05 -4.83
CA GLU A 96 20.87 -3.31 -4.53
C GLU A 96 21.09 -4.26 -3.36
N ASN A 97 20.20 -4.27 -2.38
N ASN A 97 20.19 -4.26 -2.38
CA ASN A 97 20.36 -5.15 -1.23
CA ASN A 97 20.36 -5.15 -1.23
C ASN A 97 20.02 -6.61 -1.54
C ASN A 97 20.01 -6.59 -1.54
N GLY A 98 19.68 -6.92 -2.79
CA GLY A 98 19.21 -8.24 -3.16
C GLY A 98 17.74 -8.43 -2.94
N GLY A 99 17.11 -7.48 -2.25
CA GLY A 99 15.68 -7.47 -2.11
C GLY A 99 15.03 -6.75 -3.27
N PHE A 100 13.79 -6.36 -3.05
CA PHE A 100 12.96 -5.86 -4.15
C PHE A 100 12.40 -4.50 -3.80
N GLY A 101 12.22 -3.68 -4.84
CA GLY A 101 11.73 -2.33 -4.67
C GLY A 101 10.64 -2.01 -5.67
N LEU A 102 9.85 -0.98 -5.33
CA LEU A 102 8.78 -0.48 -6.17
C LEU A 102 9.18 0.75 -6.95
N GLU A 103 8.38 1.02 -7.98
CA GLU A 103 8.40 2.28 -8.75
C GLU A 103 6.95 2.58 -9.11
N VAL A 104 6.61 3.87 -9.24
CA VAL A 104 5.21 4.25 -9.45
C VAL A 104 5.11 5.30 -10.55
N GLU A 105 4.16 5.08 -11.47
CA GLU A 105 3.66 6.16 -12.36
CA GLU A 105 3.68 6.16 -12.34
C GLU A 105 2.31 6.58 -11.81
N LEU A 106 2.18 7.85 -11.39
CA LEU A 106 0.97 8.36 -10.77
C LEU A 106 0.43 9.48 -11.65
N HIS A 107 -0.79 9.31 -12.15
CA HIS A 107 -1.37 10.30 -13.05
C HIS A 107 -2.76 10.71 -12.59
N ALA A 108 -2.99 12.00 -12.50
CA ALA A 108 -4.31 12.50 -12.15
C ALA A 108 -4.92 13.22 -13.34
N ASN A 109 -6.24 13.10 -13.49
CA ASN A 109 -6.98 13.91 -14.42
C ASN A 109 -7.97 14.76 -13.65
N ILE A 110 -7.95 16.06 -13.91
CA ILE A 110 -8.83 17.03 -13.25
C ILE A 110 -9.60 17.80 -14.32
N PRO A 111 -10.86 17.41 -14.59
CA PRO A 111 -11.61 18.11 -15.64
C PRO A 111 -11.93 19.54 -15.23
N GLY A 112 -11.99 20.43 -16.22
CA GLY A 112 -12.62 21.73 -16.01
C GLY A 112 -11.72 22.79 -15.41
N VAL A 113 -10.40 22.60 -15.40
CA VAL A 113 -9.41 23.55 -14.90
C VAL A 113 -8.31 23.69 -15.94
N THR A 114 -7.51 24.76 -15.81
CA THR A 114 -6.35 24.88 -16.68
C THR A 114 -5.27 23.91 -16.24
N ILE A 115 -4.29 23.67 -17.12
CA ILE A 115 -3.22 22.75 -16.77
C ILE A 115 -2.38 23.31 -15.63
N GLU A 116 -2.20 24.64 -15.58
CA GLU A 116 -1.47 25.26 -14.48
C GLU A 116 -2.21 25.09 -13.15
N GLU A 117 -3.53 25.23 -13.17
CA GLU A 117 -4.31 24.98 -11.97
C GLU A 117 -4.21 23.52 -11.54
N ALA A 118 -4.30 22.63 -12.52
CA ALA A 118 -4.19 21.20 -12.22
C ALA A 118 -2.83 20.86 -11.61
N GLN A 119 -1.76 21.44 -12.15
CA GLN A 119 -0.42 21.20 -11.63
CA GLN A 119 -0.42 21.19 -11.63
C GLN A 119 -0.30 21.68 -10.19
N ASP A 120 -0.85 22.85 -9.89
CA ASP A 120 -0.83 23.33 -8.51
CA ASP A 120 -0.84 23.35 -8.51
C ASP A 120 -1.57 22.39 -7.58
N LEU A 121 -2.73 21.87 -8.02
CA LEU A 121 -3.54 20.96 -7.20
C LEU A 121 -2.81 19.66 -6.94
N ILE A 122 -2.18 19.07 -7.94
CA ILE A 122 -1.47 17.81 -7.69
C ILE A 122 -0.24 18.01 -6.82
N GLU A 123 0.43 19.15 -6.94
CA GLU A 123 1.58 19.41 -6.08
C GLU A 123 1.16 19.46 -4.61
N LYS A 124 0.03 20.11 -4.34
CA LYS A 124 -0.48 20.14 -2.97
C LYS A 124 -0.94 18.76 -2.51
N ALA A 125 -1.63 18.02 -3.37
CA ALA A 125 -2.10 16.68 -3.01
C ALA A 125 -0.92 15.76 -2.66
N HIS A 126 0.21 15.93 -3.36
CA HIS A 126 1.39 15.10 -3.13
C HIS A 126 2.04 15.37 -1.78
N GLN A 127 1.72 16.50 -1.11
CA GLN A 127 2.16 16.74 0.25
C GLN A 127 1.16 16.28 1.29
N VAL A 128 -0.09 16.03 0.87
CA VAL A 128 -1.16 15.64 1.80
C VAL A 128 -1.25 14.12 1.94
N CYS A 129 -1.19 13.40 0.82
N CYS A 129 -1.18 13.42 0.83
CA CYS A 129 -1.43 11.95 0.79
CA CYS A 129 -1.27 11.98 0.70
C CYS A 129 -0.37 11.18 1.59
C CYS A 129 -0.31 11.26 1.65
N PRO A 130 -0.80 10.38 2.56
CA PRO A 130 0.16 9.64 3.37
C PRO A 130 1.07 8.72 2.58
N TYR A 131 0.60 8.11 1.48
CA TYR A 131 1.47 7.23 0.71
C TYR A 131 2.63 8.00 0.12
N SER A 132 2.37 9.23 -0.35
CA SER A 132 3.45 10.07 -0.89
C SER A 132 4.45 10.43 0.21
N ASN A 133 3.96 10.78 1.38
CA ASN A 133 4.85 11.14 2.48
C ASN A 133 5.66 9.94 2.95
N ALA A 134 5.04 8.76 2.94
CA ALA A 134 5.70 7.56 3.47
C ALA A 134 6.83 7.08 2.56
N THR A 135 6.72 7.32 1.24
CA THR A 135 7.63 6.72 0.27
C THR A 135 8.60 7.71 -0.33
N ARG A 136 8.47 8.98 0.00
CA ARG A 136 9.24 10.02 -0.67
C ARG A 136 10.74 9.76 -0.53
N GLY A 137 11.45 9.80 -1.67
CA GLY A 137 12.89 9.62 -1.65
C GLY A 137 13.34 8.18 -1.66
N ASN A 138 12.44 7.21 -1.50
CA ASN A 138 12.83 5.82 -1.48
C ASN A 138 12.47 5.08 -2.74
N ILE A 139 11.52 5.61 -3.50
CA ILE A 139 11.08 5.04 -4.77
C ILE A 139 10.86 6.21 -5.70
N GLU A 140 10.96 5.96 -7.00
CA GLU A 140 10.63 6.98 -8.00
CA GLU A 140 10.61 7.01 -7.97
C GLU A 140 9.12 7.03 -8.20
N VAL A 141 8.51 8.21 -8.02
CA VAL A 141 7.07 8.42 -8.26
C VAL A 141 6.97 9.48 -9.35
N LYS A 142 6.70 9.05 -10.60
CA LYS A 142 6.55 9.99 -11.72
C LYS A 142 5.12 10.50 -11.67
N LEU A 143 4.94 11.76 -11.28
CA LEU A 143 3.62 12.34 -11.01
C LEU A 143 3.29 13.35 -12.10
N THR A 144 2.18 13.11 -12.81
CA THR A 144 1.74 13.99 -13.88
C THR A 144 0.24 14.23 -13.79
N VAL A 145 -0.22 15.20 -14.58
CA VAL A 145 -1.60 15.63 -14.53
C VAL A 145 -2.09 15.98 -15.93
N SER A 146 -3.39 15.74 -16.15
CA SER A 146 -4.11 16.19 -17.34
C SER A 146 -5.42 16.85 -16.91
N ASN A 147 -6.05 17.53 -17.87
CA ASN A 147 -7.29 18.27 -17.61
C ASN A 147 -8.38 17.93 -18.62
N ASN A 148 -8.43 16.66 -19.04
CA ASN A 148 -9.43 16.15 -20.00
C ASN A 148 -10.86 16.06 -19.48
N HIS B 6 16.25 8.91 -10.13
CA HIS B 6 16.10 7.81 -11.06
C HIS B 6 16.59 6.51 -10.43
N HIS B 7 15.65 5.58 -10.21
CA HIS B 7 15.90 4.35 -9.46
C HIS B 7 15.98 3.18 -10.44
N HIS B 8 17.07 3.11 -11.20
CA HIS B 8 17.11 2.20 -12.34
C HIS B 8 17.15 0.75 -11.87
N MET B 9 16.12 -0.01 -12.22
CA MET B 9 16.09 -1.45 -12.01
C MET B 9 15.43 -2.11 -13.21
N LYS B 10 15.63 -3.42 -13.33
CA LYS B 10 14.98 -4.22 -14.37
C LYS B 10 13.58 -4.55 -13.86
N THR B 11 12.57 -3.86 -14.38
CA THR B 11 11.21 -4.06 -13.88
C THR B 11 10.76 -5.46 -14.27
N LEU B 12 10.32 -6.23 -13.28
CA LEU B 12 9.88 -7.61 -13.50
C LEU B 12 8.40 -7.73 -13.75
N TYR B 13 7.61 -6.83 -13.18
CA TYR B 13 6.16 -6.93 -13.22
C TYR B 13 5.59 -5.56 -12.90
N THR B 14 4.50 -5.17 -13.60
CA THR B 14 3.81 -3.92 -13.33
C THR B 14 2.31 -4.17 -13.31
N ILE B 15 1.61 -3.48 -12.40
CA ILE B 15 0.15 -3.60 -12.28
C ILE B 15 -0.42 -2.23 -12.00
N GLY B 16 -1.56 -1.91 -12.61
CA GLY B 16 -2.20 -0.61 -12.40
C GLY B 16 -3.53 -0.70 -11.68
N ALA B 17 -3.94 0.45 -11.15
CA ALA B 17 -5.29 0.60 -10.61
C ALA B 17 -5.73 2.04 -10.84
N THR B 18 -7.05 2.25 -10.82
CA THR B 18 -7.68 3.53 -11.06
C THR B 18 -8.64 3.82 -9.94
N ALA B 19 -8.55 5.04 -9.40
CA ALA B 19 -9.46 5.53 -8.37
C ALA B 19 -10.30 6.68 -8.94
N THR B 20 -11.60 6.67 -8.61
CA THR B 20 -12.57 7.64 -9.08
C THR B 20 -13.57 7.87 -7.97
N GLY B 21 -14.57 8.69 -8.24
CA GLY B 21 -15.75 8.80 -7.39
C GLY B 21 -15.66 9.78 -6.26
N GLY B 22 -14.55 10.50 -6.14
CA GLY B 22 -14.48 11.57 -5.13
C GLY B 22 -14.55 11.02 -3.72
N ARG B 23 -15.23 11.77 -2.84
CA ARG B 23 -15.34 11.37 -1.43
C ARG B 23 -15.95 9.99 -1.27
N ASN B 24 -16.90 9.65 -2.12
CA ASN B 24 -17.49 8.31 -2.09
C ASN B 24 -16.79 7.52 -3.20
N GLY B 25 -15.56 7.07 -2.89
CA GLY B 25 -14.65 6.61 -3.92
C GLY B 25 -14.86 5.18 -4.38
N HIS B 26 -14.20 4.88 -5.49
CA HIS B 26 -14.21 3.57 -6.10
C HIS B 26 -12.81 3.29 -6.60
N VAL B 27 -12.34 2.05 -6.44
CA VAL B 27 -11.03 1.68 -6.95
CA VAL B 27 -11.02 1.63 -6.90
C VAL B 27 -11.15 0.35 -7.72
N LYS B 28 -10.41 0.26 -8.82
CA LYS B 28 -10.47 -0.93 -9.68
C LYS B 28 -9.08 -1.21 -10.21
N SER B 29 -8.56 -2.44 -10.03
CA SER B 29 -7.31 -2.78 -10.73
C SER B 29 -7.56 -2.85 -12.25
N ASP B 30 -6.46 -2.74 -13.01
CA ASP B 30 -6.56 -2.68 -14.48
CA ASP B 30 -6.62 -2.65 -14.46
C ASP B 30 -7.24 -3.90 -15.06
N ASN B 31 -7.12 -5.04 -14.38
CA ASN B 31 -7.65 -6.31 -14.85
C ASN B 31 -8.93 -6.69 -14.13
N GLY B 32 -9.49 -5.81 -13.29
CA GLY B 32 -10.73 -6.07 -12.58
C GLY B 32 -10.65 -7.05 -11.42
N VAL B 33 -9.49 -7.63 -11.14
CA VAL B 33 -9.35 -8.61 -10.06
C VAL B 33 -9.71 -8.00 -8.72
N LEU B 34 -9.35 -6.74 -8.50
CA LEU B 34 -9.72 -5.98 -7.31
CA LEU B 34 -9.76 -5.99 -7.31
C LEU B 34 -10.68 -4.86 -7.75
N GLU B 35 -11.86 -4.77 -7.12
CA GLU B 35 -12.77 -3.66 -7.44
C GLU B 35 -13.71 -3.48 -6.27
N PHE B 36 -13.74 -2.29 -5.69
CA PHE B 36 -14.62 -2.09 -4.53
C PHE B 36 -14.73 -0.61 -4.21
N GLU B 37 -15.64 -0.34 -3.29
CA GLU B 37 -15.85 1.01 -2.80
C GLU B 37 -14.84 1.34 -1.71
N VAL B 38 -14.46 2.61 -1.64
CA VAL B 38 -13.69 3.12 -0.50
C VAL B 38 -14.44 4.34 0.07
N ARG B 39 -14.36 4.48 1.38
CA ARG B 39 -15.06 5.58 2.08
C ARG B 39 -14.19 6.00 3.25
N TYR B 40 -14.36 7.23 3.71
CA TYR B 40 -13.74 7.63 4.96
C TYR B 40 -14.34 6.84 6.11
N PRO B 41 -13.51 6.29 7.01
CA PRO B 41 -14.03 5.54 8.15
C PRO B 41 -14.58 6.50 9.18
N LYS B 42 -15.35 5.95 10.12
CA LYS B 42 -16.00 6.77 11.14
C LYS B 42 -14.98 7.60 11.91
N GLY B 43 -13.81 7.01 12.20
CA GLY B 43 -12.87 7.75 13.01
C GLY B 43 -12.26 8.93 12.30
N LEU B 44 -12.40 9.01 10.97
CA LEU B 44 -11.94 10.18 10.21
C LEU B 44 -13.09 11.09 9.79
N GLY B 45 -14.28 10.93 10.40
CA GLY B 45 -15.44 11.75 10.09
C GLY B 45 -16.41 11.12 9.12
N GLY B 46 -16.21 9.85 8.75
CA GLY B 46 -17.09 9.21 7.80
C GLY B 46 -18.38 8.70 8.43
N ALA B 47 -19.21 8.07 7.59
CA ALA B 47 -20.55 7.66 8.01
C ALA B 47 -20.53 6.39 8.85
N ASN B 48 -19.62 5.47 8.58
CA ASN B 48 -19.64 4.16 9.20
C ASN B 48 -18.30 3.51 8.88
N ASP B 49 -18.14 2.28 9.35
CA ASP B 49 -16.94 1.48 9.09
C ASP B 49 -17.22 0.31 8.16
N ASP B 50 -18.20 0.45 7.25
CA ASP B 50 -18.58 -0.67 6.41
C ASP B 50 -17.68 -0.87 5.19
N TYR B 51 -16.81 0.08 4.86
CA TYR B 51 -16.08 0.02 3.59
C TYR B 51 -14.57 0.11 3.79
N ALA B 52 -13.86 -0.30 2.73
CA ALA B 52 -12.41 -0.21 2.73
C ALA B 52 -11.95 1.25 2.65
N ASN B 53 -10.66 1.47 2.84
CA ASN B 53 -10.02 2.79 2.75
C ASN B 53 -8.55 2.57 2.46
N PRO B 54 -7.83 3.62 2.07
CA PRO B 54 -6.42 3.38 1.69
C PRO B 54 -5.53 2.93 2.82
N GLU B 55 -5.86 3.30 4.07
CA GLU B 55 -5.09 2.82 5.22
C GLU B 55 -5.22 1.31 5.35
N MET B 56 -6.43 0.79 5.15
CA MET B 56 -6.71 -0.64 5.21
C MET B 56 -6.02 -1.37 4.06
N LEU B 57 -5.99 -0.76 2.87
CA LEU B 57 -5.27 -1.36 1.75
C LEU B 57 -3.78 -1.42 2.05
N PHE B 58 -3.24 -0.41 2.73
CA PHE B 58 -1.84 -0.44 3.11
C PHE B 58 -1.54 -1.55 4.12
N ALA B 59 -2.41 -1.71 5.11
CA ALA B 59 -2.23 -2.81 6.08
C ALA B 59 -2.31 -4.16 5.38
N ALA B 60 -3.30 -4.34 4.48
CA ALA B 60 -3.44 -5.59 3.75
C ALA B 60 -2.22 -5.84 2.87
N GLY B 61 -1.80 -4.83 2.12
CA GLY B 61 -0.67 -5.00 1.24
C GLY B 61 0.63 -5.26 1.99
N TYR B 62 0.86 -4.53 3.09
CA TYR B 62 2.12 -4.69 3.81
C TYR B 62 2.16 -6.08 4.47
N SER B 63 1.08 -6.49 5.13
CA SER B 63 1.08 -7.82 5.73
C SER B 63 1.33 -8.90 4.69
N ALA B 64 0.71 -8.78 3.50
CA ALA B 64 0.95 -9.75 2.44
C ALA B 64 2.37 -9.68 1.89
N CYS B 65 2.88 -8.45 1.69
N CYS B 65 2.89 -8.47 1.67
CA CYS B 65 4.24 -8.24 1.20
CA CYS B 65 4.25 -8.30 1.18
C CYS B 65 5.25 -8.87 2.13
C CYS B 65 5.24 -8.95 2.14
N PHE B 66 5.07 -8.65 3.43
CA PHE B 66 6.03 -9.15 4.39
C PHE B 66 5.93 -10.68 4.52
N ASP B 67 4.71 -11.21 4.56
CA ASP B 67 4.57 -12.67 4.64
C ASP B 67 5.13 -13.35 3.39
N SER B 68 4.93 -12.75 2.21
CA SER B 68 5.50 -13.33 0.99
C SER B 68 7.02 -13.33 1.04
N ALA B 69 7.62 -12.22 1.46
CA ALA B 69 9.07 -12.12 1.56
C ALA B 69 9.60 -13.10 2.59
N LEU B 70 8.92 -13.21 3.74
CA LEU B 70 9.32 -14.15 4.79
C LEU B 70 9.32 -15.57 4.26
N ASN B 71 8.29 -15.95 3.50
CA ASN B 71 8.25 -17.32 2.96
C ASN B 71 9.32 -17.53 1.91
N LEU B 72 9.65 -16.51 1.12
CA LEU B 72 10.76 -16.68 0.18
C LEU B 72 12.07 -16.93 0.93
N VAL B 73 12.30 -16.17 1.99
CA VAL B 73 13.53 -16.33 2.79
C VAL B 73 13.57 -17.73 3.42
N ILE B 74 12.45 -18.17 3.99
CA ILE B 74 12.38 -19.52 4.58
C ILE B 74 12.71 -20.60 3.56
N LYS B 75 12.11 -20.50 2.35
CA LYS B 75 12.34 -21.53 1.35
C LYS B 75 13.78 -21.48 0.85
N SER B 76 14.34 -20.28 0.74
CA SER B 76 15.73 -20.17 0.30
C SER B 76 16.68 -20.82 1.30
N ALA B 77 16.33 -20.80 2.59
CA ALA B 77 17.14 -21.36 3.66
C ALA B 77 16.89 -22.86 3.87
N LYS B 78 15.87 -23.42 3.26
CA LYS B 78 15.53 -24.82 3.43
C LYS B 78 15.26 -25.17 4.90
N ILE B 79 14.66 -24.22 5.68
CA ILE B 79 14.34 -24.41 7.11
CA ILE B 79 14.37 -24.51 7.07
C ILE B 79 12.89 -24.85 7.22
N LYS B 80 12.63 -25.88 8.03
CA LYS B 80 11.27 -26.35 8.32
C LYS B 80 10.59 -25.41 9.30
N THR B 81 9.43 -24.89 8.92
CA THR B 81 8.62 -24.07 9.82
C THR B 81 7.17 -24.45 9.66
N GLY B 82 6.34 -24.03 10.62
CA GLY B 82 4.92 -24.07 10.40
C GLY B 82 4.46 -22.92 9.52
N GLU B 83 3.16 -22.86 9.28
CA GLU B 83 2.62 -21.79 8.43
C GLU B 83 2.75 -20.44 9.15
N THR B 84 3.35 -19.47 8.48
CA THR B 84 3.58 -18.17 9.11
C THR B 84 2.33 -17.29 9.07
N THR B 85 2.30 -16.31 9.96
CA THR B 85 1.28 -15.28 9.99
CA THR B 85 1.30 -15.28 9.90
C THR B 85 1.95 -13.92 10.14
N VAL B 86 1.45 -12.90 9.44
CA VAL B 86 1.95 -11.55 9.66
C VAL B 86 0.75 -10.63 9.87
N THR B 87 0.82 -9.80 10.89
CA THR B 87 -0.14 -8.72 11.08
CA THR B 87 -0.14 -8.73 11.07
C THR B 87 0.52 -7.37 10.86
N ALA B 88 -0.23 -6.46 10.23
CA ALA B 88 0.19 -5.07 10.07
C ALA B 88 -0.92 -4.18 10.58
N LYS B 89 -0.58 -3.30 11.52
CA LYS B 89 -1.50 -2.30 12.05
C LYS B 89 -1.01 -0.93 11.59
N VAL B 90 -1.88 -0.20 10.87
CA VAL B 90 -1.50 1.06 10.24
C VAL B 90 -2.32 2.18 10.87
N GLY B 91 -1.63 3.21 11.32
CA GLY B 91 -2.27 4.40 11.86
C GLY B 91 -2.01 5.57 10.93
N ILE B 92 -2.94 6.54 10.97
CA ILE B 92 -2.82 7.79 10.21
C ILE B 92 -3.01 8.95 11.17
N GLY B 93 -2.22 10.01 10.96
CA GLY B 93 -2.42 11.22 11.73
C GLY B 93 -1.86 12.40 10.97
N GLN B 94 -2.09 13.60 11.52
CA GLN B 94 -1.61 14.81 10.86
C GLN B 94 -0.13 15.01 11.17
N ILE B 95 0.64 15.37 10.14
CA ILE B 95 2.05 15.66 10.32
C ILE B 95 2.32 17.14 10.17
N GLU B 96 3.61 17.51 10.12
CA GLU B 96 4.00 18.87 10.50
C GLU B 96 3.56 19.92 9.49
N ASN B 97 3.49 19.55 8.21
CA ASN B 97 3.13 20.50 7.17
C ASN B 97 1.63 20.60 6.95
N GLY B 98 0.82 19.97 7.80
CA GLY B 98 -0.60 19.93 7.58
C GLY B 98 -1.07 18.77 6.74
N GLY B 99 -0.17 18.03 6.09
CA GLY B 99 -0.50 16.78 5.45
C GLY B 99 -0.71 15.67 6.46
N PHE B 100 -0.84 14.46 5.94
CA PHE B 100 -1.06 13.30 6.79
C PHE B 100 0.02 12.25 6.57
N GLY B 101 0.30 11.48 7.63
CA GLY B 101 1.35 10.47 7.58
C GLY B 101 0.89 9.18 8.24
N LEU B 102 1.63 8.12 7.96
CA LEU B 102 1.35 6.80 8.48
C LEU B 102 2.34 6.37 9.57
N GLU B 103 1.91 5.40 10.37
CA GLU B 103 2.79 4.66 11.28
C GLU B 103 2.37 3.20 11.18
N VAL B 104 3.32 2.27 11.39
CA VAL B 104 3.05 0.86 11.15
C VAL B 104 3.66 0.02 12.27
N GLU B 105 2.90 -0.95 12.74
CA GLU B 105 3.41 -2.01 13.59
CA GLU B 105 3.39 -2.02 13.61
C GLU B 105 3.21 -3.32 12.86
N LEU B 106 4.30 -4.07 12.71
CA LEU B 106 4.29 -5.35 12.01
C LEU B 106 4.68 -6.43 12.99
N HIS B 107 3.98 -7.55 12.95
CA HIS B 107 4.35 -8.67 13.80
C HIS B 107 4.28 -9.94 12.98
N ALA B 108 5.34 -10.76 13.03
CA ALA B 108 5.37 -12.04 12.34
C ALA B 108 5.38 -13.15 13.38
N ASN B 109 4.68 -14.23 13.05
CA ASN B 109 4.77 -15.46 13.84
C ASN B 109 5.28 -16.59 12.97
N ILE B 110 6.28 -17.30 13.47
CA ILE B 110 6.92 -18.40 12.72
C ILE B 110 6.92 -19.63 13.63
N PRO B 111 5.96 -20.55 13.47
CA PRO B 111 5.95 -21.72 14.34
C PRO B 111 7.13 -22.64 14.06
N GLY B 112 7.62 -23.29 15.10
CA GLY B 112 8.56 -24.41 14.95
C GLY B 112 10.01 -24.04 14.83
N VAL B 113 10.38 -22.79 15.04
CA VAL B 113 11.77 -22.37 14.97
C VAL B 113 12.17 -21.79 16.33
N THR B 114 13.48 -21.65 16.53
CA THR B 114 13.96 -20.97 17.73
C THR B 114 13.85 -19.46 17.54
N ILE B 115 13.96 -18.71 18.65
CA ILE B 115 13.85 -17.25 18.50
C ILE B 115 15.02 -16.69 17.71
N GLU B 116 16.22 -17.25 17.83
CA GLU B 116 17.33 -16.76 17.04
C GLU B 116 17.06 -16.98 15.55
N GLU B 117 16.53 -18.13 15.18
CA GLU B 117 16.17 -18.37 13.78
C GLU B 117 15.09 -17.39 13.34
N ALA B 118 14.07 -17.20 14.17
CA ALA B 118 12.98 -16.29 13.81
C ALA B 118 13.49 -14.88 13.59
N GLN B 119 14.39 -14.41 14.46
CA GLN B 119 14.95 -13.07 14.30
CA GLN B 119 14.95 -13.07 14.30
C GLN B 119 15.76 -12.96 13.02
N ASP B 120 16.57 -13.98 12.71
CA ASP B 120 17.33 -13.93 11.45
C ASP B 120 16.38 -13.89 10.25
N LEU B 121 15.31 -14.67 10.29
CA LEU B 121 14.38 -14.73 9.17
C LEU B 121 13.70 -13.39 8.96
N ILE B 122 13.22 -12.74 10.04
CA ILE B 122 12.50 -11.49 9.82
C ILE B 122 13.45 -10.37 9.44
N GLU B 123 14.69 -10.39 9.93
CA GLU B 123 15.67 -9.39 9.50
C GLU B 123 15.86 -9.47 7.98
N LYS B 124 16.01 -10.69 7.42
CA LYS B 124 16.15 -10.81 5.97
C LYS B 124 14.85 -10.42 5.26
N ALA B 125 13.70 -10.86 5.77
CA ALA B 125 12.44 -10.52 5.13
C ALA B 125 12.24 -9.01 5.04
N HIS B 126 12.68 -8.29 6.08
CA HIS B 126 12.53 -6.85 6.12
C HIS B 126 13.40 -6.12 5.09
N GLN B 127 14.44 -6.78 4.56
CA GLN B 127 15.20 -6.24 3.45
C GLN B 127 14.64 -6.67 2.11
N VAL B 128 13.88 -7.76 2.04
CA VAL B 128 13.35 -8.27 0.78
C VAL B 128 12.07 -7.54 0.40
N CYS B 129 11.12 -7.39 1.35
N CYS B 129 11.17 -7.37 1.36
CA CYS B 129 9.78 -6.90 1.04
CA CYS B 129 9.83 -6.79 1.17
C CYS B 129 9.81 -5.44 0.57
C CYS B 129 9.89 -5.39 0.55
N PRO B 130 9.28 -5.17 -0.61
CA PRO B 130 9.29 -3.80 -1.17
C PRO B 130 8.61 -2.75 -0.31
N TYR B 131 7.60 -3.10 0.48
CA TYR B 131 6.97 -2.07 1.30
C TYR B 131 7.92 -1.58 2.37
N SER B 132 8.75 -2.51 2.93
CA SER B 132 9.77 -2.09 3.88
C SER B 132 10.80 -1.20 3.23
N ASN B 133 11.28 -1.58 2.03
CA ASN B 133 12.24 -0.71 1.35
C ASN B 133 11.64 0.64 0.99
N ALA B 134 10.34 0.67 0.67
CA ALA B 134 9.73 1.93 0.24
C ALA B 134 9.54 2.92 1.39
N THR B 135 9.42 2.44 2.62
CA THR B 135 9.06 3.28 3.76
C THR B 135 10.20 3.59 4.71
N ARG B 136 11.34 2.90 4.57
CA ARG B 136 12.41 2.99 5.55
C ARG B 136 12.94 4.42 5.63
N GLY B 137 13.19 4.89 6.84
CA GLY B 137 13.66 6.23 7.05
C GLY B 137 12.57 7.28 7.15
N ASN B 138 11.41 7.06 6.52
N ASN B 138 11.41 7.03 6.56
CA ASN B 138 10.33 8.06 6.54
CA ASN B 138 10.32 8.02 6.57
C ASN B 138 9.35 7.86 7.69
C ASN B 138 9.36 7.82 7.73
N ILE B 139 8.75 6.67 7.82
N ILE B 139 8.76 6.63 7.83
CA ILE B 139 7.73 6.43 8.85
CA ILE B 139 7.76 6.37 8.87
C ILE B 139 8.27 5.46 9.90
C ILE B 139 8.34 5.45 9.93
N GLU B 140 7.56 5.38 11.03
N GLU B 140 7.65 5.42 11.08
CA GLU B 140 7.90 4.37 12.03
CA GLU B 140 8.09 4.63 12.22
C GLU B 140 7.31 3.00 11.65
C GLU B 140 7.45 3.25 12.13
N VAL B 141 8.18 1.97 11.61
N VAL B 141 8.23 2.28 11.65
CA VAL B 141 7.78 0.55 11.37
CA VAL B 141 7.78 0.89 11.56
C VAL B 141 8.36 -0.28 12.50
C VAL B 141 8.38 0.12 12.72
N LYS B 142 7.53 -0.55 13.48
CA LYS B 142 7.94 -1.39 14.61
C LYS B 142 7.71 -2.83 14.21
N LEU B 143 8.76 -3.66 14.23
CA LEU B 143 8.72 -5.03 13.72
C LEU B 143 9.14 -5.97 14.84
N THR B 144 8.29 -6.93 15.17
CA THR B 144 8.58 -7.94 16.18
C THR B 144 8.21 -9.31 15.64
N VAL B 145 8.76 -10.34 16.29
CA VAL B 145 8.54 -11.71 15.86
C VAL B 145 8.28 -12.60 17.05
N SER B 146 7.39 -13.58 16.87
CA SER B 146 7.17 -14.65 17.83
C SER B 146 7.36 -16.01 17.13
N ASN B 147 7.43 -17.05 17.94
CA ASN B 147 7.63 -18.41 17.47
C ASN B 147 6.61 -19.36 18.10
N ASN B 148 5.32 -18.95 18.10
CA ASN B 148 4.24 -19.75 18.69
C ASN B 148 3.78 -20.85 17.76
S SCN C . -3.62 6.45 3.67
C SCN C . -4.89 7.58 3.26
N SCN C . -5.60 8.34 2.78
S SCN D . 5.17 -5.45 -3.22
C SCN D . 5.56 -7.14 -3.09
N SCN D . 5.84 -8.22 -2.76
C1 EDO E . -12.55 8.29 0.37
O1 EDO E . -12.90 8.05 -1.01
C2 EDO E . -11.82 7.07 0.96
O2 EDO E . -10.61 6.96 0.23
C1 EDO F . -13.02 -8.16 -5.98
O1 EDO F . -12.44 -7.00 -5.40
C2 EDO F . -13.74 -7.77 -7.27
O2 EDO F . -14.92 -6.99 -6.96
#